data_5OXL
#
_entry.id   5OXL
#
_cell.length_a   102.300
_cell.length_b   110.600
_cell.length_c   108.500
_cell.angle_alpha   90.00
_cell.angle_beta   90.00
_cell.angle_gamma   90.00
#
_symmetry.space_group_name_H-M   'C 2 2 21'
#
loop_
_entity.id
_entity.type
_entity.pdbx_description
1 polymer 'Di-or tripeptide:H+ symporter'
2 non-polymer 'PHOSPHATE ION'
3 non-polymer '4-(2-HYDROXYETHYL)-1-PIPERAZINE ETHANESULFONIC ACID'
4 non-polymer 'PENTAETHYLENE GLYCOL'
5 non-polymer (2R)-2,3-DIHYDROXYPROPYL(7Z)-PENTADEC-7-ENOATE
6 non-polymer (2S)-2,3-DIHYDROXYPROPYL(7Z)-PENTADEC-7-ENOATE
7 non-polymer ALANINE
8 non-polymer LEUCINE
9 water water
#
_entity_poly.entity_id   1
_entity_poly.type   'polypeptide(L)'
_entity_poly.pdbx_seq_one_letter_code
;MEDKGKTFFGQPLGLSTLFMTEMWERFSYYGMRAILLYYMWFLISTGDLHITRATAASIMAIYASMVYLSGTIGGFVADR
IIGARPAVFWGGVLIMLGHIVLALPFGASALFGSIILIIIGTGFLKPNVSTLVGTLYDEHDRRRDAGFSIFVFGINLGAF
IAPLIVGAAQEAAGYHVAFSLAAIGMFIGLLVYYFGGKKTLDPHYLRPTDPLAPEEVKPLLVKVSLAVAGFIAIIVVMNL
VGWNSLPAYINLLTIVAIAIPVFYFAWMISSVKVTSTEHLRVVSYIPLFIAAVLFWAIEEQGSVVLATFAAERVDSSWFP
VSWFQSLNPLFIMLYTPFFAWLWTAWKKNQPSSPTKFAVGLMFAGLSFLLMAIPGALYGTSGKVSPLWLVGSWALVILGE
MLISPVGLSVTTKLAPKAFNSQMMSMWFLSSSVGSALNAQLVTLYNAKSEVAYFSYFGLGSVVLGIVLVFLSKRIQGLMQ
GVEAENLYFQ
;
_entity_poly.pdbx_strand_id   A
#
loop_
_chem_comp.id
_chem_comp.type
_chem_comp.name
_chem_comp.formula
1PE non-polymer 'PENTAETHYLENE GLYCOL' 'C10 H22 O6'
78M non-polymer (2S)-2,3-DIHYDROXYPROPYL(7Z)-PENTADEC-7-ENOATE 'C18 H34 O4'
78N non-polymer (2R)-2,3-DIHYDROXYPROPYL(7Z)-PENTADEC-7-ENOATE 'C18 H34 O4'
EPE non-polymer '4-(2-HYDROXYETHYL)-1-PIPERAZINE ETHANESULFONIC ACID' 'C8 H18 N2 O4 S'
PO4 non-polymer 'PHOSPHATE ION' 'O4 P -3'
#
# COMPACT_ATOMS: atom_id res chain seq x y z
N GLY A 5 33.89 -4.63 -12.31
CA GLY A 5 33.36 -3.28 -12.41
C GLY A 5 32.42 -2.96 -11.28
N LYS A 6 32.30 -1.68 -10.97
CA LYS A 6 31.47 -1.24 -9.85
C LYS A 6 29.99 -1.42 -10.10
N THR A 7 29.31 -2.07 -9.15
CA THR A 7 27.87 -2.29 -9.24
C THR A 7 27.21 -2.00 -7.90
N PHE A 8 25.88 -2.05 -7.86
CA PHE A 8 25.15 -2.05 -6.60
C PHE A 8 24.52 -3.42 -6.42
N PHE A 9 25.23 -4.30 -5.71
CA PHE A 9 24.81 -5.68 -5.51
C PHE A 9 24.62 -6.38 -6.85
N GLY A 10 25.54 -6.14 -7.78
CA GLY A 10 25.51 -6.77 -9.08
C GLY A 10 24.68 -6.03 -10.11
N GLN A 11 24.07 -4.93 -9.66
CA GLN A 11 23.12 -4.18 -10.49
C GLN A 11 23.73 -2.84 -10.93
N PRO A 12 23.15 -2.21 -11.97
CA PRO A 12 23.66 -0.89 -12.37
C PRO A 12 23.66 0.09 -11.19
N LEU A 13 24.63 1.00 -11.16
CA LEU A 13 24.79 1.93 -10.05
C LEU A 13 23.59 2.86 -9.88
N GLY A 14 22.73 2.93 -10.90
CA GLY A 14 21.54 3.75 -10.84
C GLY A 14 20.43 3.19 -9.97
N LEU A 15 20.52 1.89 -9.65
CA LEU A 15 19.53 1.25 -8.78
C LEU A 15 19.57 1.83 -7.36
N SER A 16 20.78 2.09 -6.87
CA SER A 16 20.97 2.66 -5.52
C SER A 16 20.25 4.00 -5.34
N THR A 17 20.30 4.84 -6.37
CA THR A 17 19.59 6.11 -6.35
C THR A 17 18.09 5.88 -6.21
N LEU A 18 17.56 4.98 -7.03
CA LEU A 18 16.14 4.62 -6.98
C LEU A 18 15.82 3.84 -5.71
N PHE A 19 16.78 3.02 -5.29
CA PHE A 19 16.69 2.28 -4.02
C PHE A 19 16.43 3.23 -2.86
N MET A 20 17.38 4.15 -2.65
CA MET A 20 17.30 5.10 -1.54
C MET A 20 16.08 6.02 -1.66
N THR A 21 15.76 6.41 -2.88
CA THR A 21 14.62 7.28 -3.12
C THR A 21 13.34 6.64 -2.61
N GLU A 22 13.05 5.43 -3.06
CA GLU A 22 11.85 4.73 -2.66
C GLU A 22 11.91 4.28 -1.21
N MET A 23 13.12 3.98 -0.72
CA MET A 23 13.29 3.59 0.67
C MET A 23 12.86 4.72 1.60
N TRP A 24 13.20 5.95 1.22
CA TRP A 24 12.87 7.12 2.03
C TRP A 24 11.42 7.55 1.84
N GLU A 25 10.85 7.24 0.69
CA GLU A 25 9.45 7.54 0.44
C GLU A 25 8.57 6.60 1.26
N ARG A 26 8.88 5.30 1.19
CA ARG A 26 8.18 4.29 1.98
C ARG A 26 8.35 4.57 3.48
N PHE A 27 9.50 5.14 3.84
CA PHE A 27 9.77 5.57 5.20
C PHE A 27 8.75 6.62 5.64
N SER A 28 8.53 7.63 4.79
CA SER A 28 7.59 8.70 5.09
C SER A 28 6.16 8.17 5.17
N TYR A 29 5.79 7.33 4.21
CA TYR A 29 4.44 6.78 4.16
C TYR A 29 4.13 5.90 5.37
N TYR A 30 4.95 4.87 5.56
CA TYR A 30 4.72 3.89 6.63
C TYR A 30 5.03 4.47 8.01
N GLY A 31 5.86 5.50 8.06
CA GLY A 31 6.12 6.19 9.30
C GLY A 31 4.85 6.88 9.75
N MET A 32 4.20 7.55 8.80
CA MET A 32 2.92 8.21 9.05
C MET A 32 1.82 7.19 9.35
N ARG A 33 1.78 6.12 8.57
CA ARG A 33 0.75 5.09 8.72
C ARG A 33 0.81 4.42 10.09
N ALA A 34 2.00 4.36 10.67
CA ALA A 34 2.21 3.67 11.94
C ALA A 34 1.54 4.36 13.12
N ILE A 35 1.24 5.66 12.98
CA ILE A 35 0.65 6.42 14.07
C ILE A 35 -0.62 7.17 13.69
N LEU A 36 -1.00 7.10 12.42
CA LEU A 36 -2.14 7.87 11.93
C LEU A 36 -3.44 7.44 12.59
N LEU A 37 -3.61 6.14 12.80
CA LEU A 37 -4.81 5.62 13.43
C LEU A 37 -4.86 6.02 14.90
N TYR A 38 -3.73 5.88 15.58
CA TYR A 38 -3.63 6.27 16.99
C TYR A 38 -3.83 7.78 17.14
N TYR A 39 -3.41 8.52 16.13
CA TYR A 39 -3.59 9.97 16.10
C TYR A 39 -5.08 10.31 16.00
N MET A 40 -5.79 9.61 15.11
CA MET A 40 -7.22 9.80 14.98
C MET A 40 -7.94 9.38 16.26
N TRP A 41 -7.48 8.30 16.88
CA TRP A 41 -7.97 7.89 18.18
C TRP A 41 -7.80 9.03 19.18
N PHE A 42 -6.63 9.66 19.15
CA PHE A 42 -6.30 10.75 20.05
C PHE A 42 -7.20 11.97 19.82
N LEU A 43 -7.44 12.29 18.55
CA LEU A 43 -8.27 13.44 18.19
C LEU A 43 -9.72 13.23 18.61
N ILE A 44 -10.18 11.99 18.57
CA ILE A 44 -11.53 11.66 19.01
C ILE A 44 -11.62 11.80 20.53
N SER A 45 -10.59 11.33 21.23
CA SER A 45 -10.57 11.34 22.68
C SER A 45 -10.64 12.77 23.23
N THR A 46 -9.98 13.70 22.55
CA THR A 46 -9.98 15.10 22.97
C THR A 46 -11.26 15.80 22.52
N GLY A 47 -12.05 15.12 21.71
CA GLY A 47 -13.31 15.68 21.22
C GLY A 47 -13.10 16.62 20.06
N ASP A 48 -11.95 16.51 19.40
CA ASP A 48 -11.62 17.35 18.27
C ASP A 48 -12.11 16.74 16.96
N LEU A 49 -12.04 15.41 16.88
CA LEU A 49 -12.54 14.69 15.73
C LEU A 49 -13.83 13.94 16.10
N HIS A 50 -14.91 14.24 15.39
CA HIS A 50 -16.21 13.67 15.73
C HIS A 50 -16.61 12.51 14.82
N ILE A 51 -15.80 11.46 14.86
CA ILE A 51 -16.15 10.21 14.20
C ILE A 51 -16.01 9.08 15.20
N THR A 52 -16.39 7.87 14.79
CA THR A 52 -16.21 6.70 15.64
C THR A 52 -14.88 6.03 15.31
N ARG A 53 -14.44 5.11 16.16
CA ARG A 53 -13.21 4.37 15.89
C ARG A 53 -13.39 3.47 14.67
N ALA A 54 -14.63 3.05 14.44
CA ALA A 54 -14.96 2.23 13.27
C ALA A 54 -14.74 3.01 11.98
N THR A 55 -15.15 4.28 11.97
CA THR A 55 -14.96 5.13 10.81
C THR A 55 -13.49 5.47 10.62
N ALA A 56 -12.79 5.71 11.73
CA ALA A 56 -11.35 5.98 11.70
C ALA A 56 -10.60 4.81 11.09
N ALA A 57 -10.99 3.59 11.48
CA ALA A 57 -10.42 2.39 10.92
C ALA A 57 -10.73 2.32 9.42
N SER A 58 -11.97 2.65 9.07
CA SER A 58 -12.41 2.65 7.68
C SER A 58 -11.64 3.67 6.84
N ILE A 59 -11.34 4.82 7.46
CA ILE A 59 -10.56 5.86 6.79
C ILE A 59 -9.17 5.35 6.42
N MET A 60 -8.53 4.66 7.36
CA MET A 60 -7.21 4.08 7.13
C MET A 60 -7.19 3.17 5.90
N ALA A 61 -8.28 2.45 5.68
CA ALA A 61 -8.38 1.53 4.56
C ALA A 61 -8.65 2.25 3.24
N ILE A 62 -9.65 3.13 3.22
CA ILE A 62 -10.00 3.83 1.99
C ILE A 62 -8.89 4.78 1.57
N TYR A 63 -8.15 5.28 2.56
CA TYR A 63 -6.95 6.09 2.32
C TYR A 63 -5.96 5.24 1.52
N ALA A 64 -5.69 4.03 2.04
CA ALA A 64 -4.77 3.11 1.38
C ALA A 64 -5.26 2.73 -0.01
N SER A 65 -6.57 2.53 -0.14
CA SER A 65 -7.17 2.17 -1.42
C SER A 65 -7.03 3.28 -2.44
N MET A 66 -7.21 4.53 -2.00
CA MET A 66 -7.09 5.68 -2.89
C MET A 66 -5.63 5.96 -3.24
N VAL A 67 -4.72 5.55 -2.35
CA VAL A 67 -3.30 5.76 -2.57
C VAL A 67 -2.80 4.94 -3.76
N TYR A 68 -3.24 3.70 -3.85
CA TYR A 68 -2.80 2.81 -4.91
C TYR A 68 -3.65 2.96 -6.17
N LEU A 69 -4.88 3.44 -6.00
CA LEU A 69 -5.74 3.75 -7.14
C LEU A 69 -5.23 5.01 -7.83
N SER A 70 -4.75 5.97 -7.03
CA SER A 70 -4.20 7.22 -7.56
C SER A 70 -3.02 6.98 -8.48
N GLY A 71 -2.34 5.86 -8.27
CA GLY A 71 -1.18 5.50 -9.08
C GLY A 71 -1.51 5.35 -10.56
N THR A 72 -2.76 5.09 -10.88
CA THR A 72 -3.15 4.85 -12.27
C THR A 72 -3.12 6.14 -13.07
N ILE A 73 -3.56 7.23 -12.45
CA ILE A 73 -3.45 8.54 -13.06
C ILE A 73 -1.98 8.90 -13.25
N GLY A 74 -1.19 8.70 -12.20
CA GLY A 74 0.21 9.06 -12.21
C GLY A 74 1.04 8.32 -13.23
N GLY A 75 0.74 7.04 -13.42
CA GLY A 75 1.46 6.24 -14.40
C GLY A 75 1.16 6.73 -15.80
N PHE A 76 -0.09 7.12 -16.02
CA PHE A 76 -0.54 7.59 -17.32
C PHE A 76 0.02 8.98 -17.65
N VAL A 77 -0.04 9.88 -16.68
CA VAL A 77 0.39 11.25 -16.88
C VAL A 77 1.88 11.32 -17.19
N ALA A 78 2.66 10.45 -16.56
CA ALA A 78 4.10 10.44 -16.77
C ALA A 78 4.46 9.92 -18.16
N ASP A 79 3.76 8.89 -18.61
CA ASP A 79 4.04 8.30 -19.91
C ASP A 79 3.65 9.21 -21.06
N ARG A 80 2.60 9.99 -20.86
CA ARG A 80 1.99 10.72 -21.97
C ARG A 80 2.08 12.24 -21.88
N ILE A 81 2.35 12.77 -20.70
CA ILE A 81 2.30 14.23 -20.52
C ILE A 81 3.57 14.86 -19.96
N ILE A 82 4.02 14.39 -18.79
CA ILE A 82 5.09 15.11 -18.07
C ILE A 82 6.44 14.38 -18.03
N GLY A 83 6.43 13.05 -18.03
CA GLY A 83 7.66 12.30 -17.94
C GLY A 83 7.78 11.54 -16.62
N ALA A 84 8.56 10.46 -16.63
CA ALA A 84 8.70 9.60 -15.47
C ALA A 84 9.45 10.27 -14.32
N ARG A 85 10.53 10.97 -14.65
CA ARG A 85 11.39 11.56 -13.62
C ARG A 85 10.84 12.83 -12.96
N PRO A 86 10.25 13.75 -13.76
CA PRO A 86 9.63 14.87 -13.03
C PRO A 86 8.40 14.44 -12.21
N ALA A 87 7.74 13.35 -12.63
CA ALA A 87 6.59 12.84 -11.89
C ALA A 87 7.02 12.35 -10.50
N VAL A 88 8.15 11.67 -10.44
CA VAL A 88 8.71 11.20 -9.17
C VAL A 88 9.06 12.37 -8.27
N PHE A 89 9.70 13.38 -8.85
CA PHE A 89 10.13 14.56 -8.09
C PHE A 89 8.94 15.30 -7.47
N TRP A 90 8.02 15.75 -8.32
CA TRP A 90 6.88 16.52 -7.85
C TRP A 90 5.91 15.66 -7.05
N GLY A 91 5.95 14.35 -7.28
CA GLY A 91 5.19 13.42 -6.46
C GLY A 91 5.66 13.49 -5.03
N GLY A 92 6.98 13.40 -4.85
CA GLY A 92 7.59 13.47 -3.53
C GLY A 92 7.36 14.80 -2.84
N VAL A 93 7.34 15.87 -3.62
CA VAL A 93 7.09 17.21 -3.09
C VAL A 93 5.72 17.27 -2.41
N LEU A 94 4.71 16.76 -3.10
CA LEU A 94 3.36 16.71 -2.56
C LEU A 94 3.28 15.81 -1.33
N ILE A 95 3.96 14.67 -1.41
CA ILE A 95 4.07 13.77 -0.27
C ILE A 95 4.66 14.49 0.93
N MET A 96 5.75 15.22 0.70
CA MET A 96 6.42 15.96 1.77
C MET A 96 5.50 17.03 2.34
N LEU A 97 4.80 17.75 1.46
CA LEU A 97 3.86 18.77 1.90
C LEU A 97 2.73 18.14 2.72
N GLY A 98 2.33 16.93 2.33
CA GLY A 98 1.29 16.22 3.04
C GLY A 98 1.65 15.93 4.48
N HIS A 99 2.91 15.55 4.71
CA HIS A 99 3.39 15.26 6.04
C HIS A 99 3.63 16.54 6.85
N ILE A 100 4.07 17.59 6.17
CA ILE A 100 4.27 18.89 6.80
C ILE A 100 2.95 19.43 7.34
N VAL A 101 1.88 19.23 6.59
CA VAL A 101 0.54 19.65 7.01
C VAL A 101 0.17 19.02 8.35
N LEU A 102 0.51 17.75 8.53
CA LEU A 102 0.27 17.06 9.80
C LEU A 102 1.20 17.55 10.89
N ALA A 103 2.38 18.02 10.50
CA ALA A 103 3.37 18.51 11.45
C ALA A 103 2.96 19.86 12.03
N LEU A 104 2.14 20.59 11.28
CA LEU A 104 1.64 21.89 11.73
C LEU A 104 0.75 21.73 12.96
N PRO A 105 0.74 22.74 13.84
CA PRO A 105 0.00 22.61 15.11
C PRO A 105 -1.51 22.71 14.92
N PHE A 106 -2.09 21.75 14.22
CA PHE A 106 -3.53 21.70 14.03
C PHE A 106 -4.10 20.32 14.40
N GLY A 107 -5.41 20.21 14.37
CA GLY A 107 -6.07 18.96 14.68
C GLY A 107 -6.67 18.29 13.46
N ALA A 108 -7.95 17.99 13.54
CA ALA A 108 -8.64 17.20 12.50
C ALA A 108 -8.78 17.94 11.18
N SER A 109 -8.66 19.27 11.22
CA SER A 109 -8.87 20.09 10.03
C SER A 109 -7.77 19.86 8.99
N ALA A 110 -6.61 19.39 9.43
CA ALA A 110 -5.48 19.20 8.55
C ALA A 110 -5.45 17.79 7.95
N LEU A 111 -6.33 16.91 8.44
CA LEU A 111 -6.36 15.52 8.00
C LEU A 111 -6.65 15.37 6.52
N PHE A 112 -7.79 15.90 6.08
CA PHE A 112 -8.22 15.76 4.70
C PHE A 112 -7.19 16.35 3.72
N GLY A 113 -6.71 17.55 4.03
CA GLY A 113 -5.71 18.20 3.20
C GLY A 113 -4.45 17.35 3.08
N SER A 114 -4.00 16.82 4.20
CA SER A 114 -2.83 15.95 4.23
C SER A 114 -3.05 14.69 3.40
N ILE A 115 -4.24 14.11 3.54
CA ILE A 115 -4.58 12.87 2.86
C ILE A 115 -4.62 13.06 1.34
N ILE A 116 -5.23 14.15 0.88
CA ILE A 116 -5.32 14.44 -0.54
C ILE A 116 -3.94 14.64 -1.16
N LEU A 117 -3.08 15.39 -0.48
CA LEU A 117 -1.73 15.67 -0.96
C LEU A 117 -0.91 14.40 -1.15
N ILE A 118 -0.99 13.50 -0.18
CA ILE A 118 -0.22 12.26 -0.22
C ILE A 118 -0.80 11.29 -1.26
N ILE A 119 -2.12 11.22 -1.35
CA ILE A 119 -2.77 10.41 -2.37
C ILE A 119 -2.32 10.83 -3.77
N ILE A 120 -2.46 12.11 -4.07
CA ILE A 120 -2.03 12.65 -5.36
C ILE A 120 -0.53 12.47 -5.55
N GLY A 121 0.24 12.86 -4.53
CA GLY A 121 1.69 12.76 -4.58
C GLY A 121 2.20 11.35 -4.79
N THR A 122 1.65 10.40 -4.04
CA THR A 122 2.10 9.01 -4.14
C THR A 122 1.68 8.40 -5.47
N GLY A 123 0.55 8.85 -6.00
CA GLY A 123 0.07 8.40 -7.29
C GLY A 123 1.07 8.71 -8.39
N PHE A 124 1.79 9.82 -8.22
CA PHE A 124 2.80 10.23 -9.18
C PHE A 124 4.13 9.52 -8.98
N LEU A 125 4.53 9.35 -7.73
CA LEU A 125 5.86 8.82 -7.44
C LEU A 125 5.94 7.29 -7.53
N LYS A 126 5.00 6.61 -6.87
CA LYS A 126 5.10 5.16 -6.68
C LYS A 126 5.23 4.34 -7.97
N PRO A 127 4.32 4.54 -8.94
CA PRO A 127 4.47 3.68 -10.13
C PRO A 127 5.64 4.08 -11.02
N ASN A 128 6.06 5.34 -10.91
CA ASN A 128 7.11 5.87 -11.78
C ASN A 128 8.51 5.58 -11.25
N VAL A 129 8.66 5.52 -9.93
CA VAL A 129 9.95 5.16 -9.34
C VAL A 129 10.18 3.67 -9.56
N SER A 130 9.08 2.92 -9.64
CA SER A 130 9.16 1.48 -9.90
C SER A 130 9.47 1.21 -11.36
N THR A 131 8.97 2.11 -12.22
CA THR A 131 9.19 1.97 -13.66
C THR A 131 10.63 2.31 -14.04
N LEU A 132 11.19 3.32 -13.38
CA LEU A 132 12.56 3.75 -13.66
C LEU A 132 13.59 2.67 -13.35
N VAL A 133 13.23 1.74 -12.48
CA VAL A 133 14.10 0.62 -12.15
C VAL A 133 14.32 -0.29 -13.37
N GLY A 134 13.23 -0.58 -14.08
CA GLY A 134 13.30 -1.40 -15.27
C GLY A 134 14.04 -0.72 -16.41
N THR A 135 14.16 0.61 -16.32
CA THR A 135 14.85 1.39 -17.34
C THR A 135 16.37 1.27 -17.23
N LEU A 136 16.83 0.67 -16.14
CA LEU A 136 18.25 0.50 -15.91
C LEU A 136 18.82 -0.66 -16.72
N TYR A 137 17.93 -1.54 -17.17
CA TYR A 137 18.33 -2.74 -17.88
C TYR A 137 17.86 -2.72 -19.33
N ASP A 138 18.65 -3.32 -20.22
CA ASP A 138 18.18 -3.59 -21.58
C ASP A 138 17.20 -4.74 -21.49
N GLU A 139 16.57 -5.09 -22.60
CA GLU A 139 15.41 -5.98 -22.58
C GLU A 139 15.68 -7.38 -22.04
N HIS A 140 16.71 -8.03 -22.57
CA HIS A 140 16.98 -9.41 -22.18
C HIS A 140 18.24 -9.50 -21.31
N ASP A 141 18.14 -8.85 -20.15
CA ASP A 141 19.17 -8.86 -19.12
C ASP A 141 18.63 -9.63 -17.92
N ARG A 142 19.31 -10.71 -17.54
CA ARG A 142 18.83 -11.63 -16.51
C ARG A 142 18.75 -10.99 -15.13
N ARG A 143 19.52 -9.92 -14.94
CA ARG A 143 19.62 -9.25 -13.65
C ARG A 143 18.38 -8.46 -13.31
N ARG A 144 17.55 -8.19 -14.31
CA ARG A 144 16.33 -7.41 -14.14
C ARG A 144 15.45 -7.92 -12.99
N ASP A 145 15.28 -9.25 -12.91
CA ASP A 145 14.52 -9.85 -11.83
C ASP A 145 15.16 -9.60 -10.48
N ALA A 146 16.49 -9.67 -10.43
CA ALA A 146 17.22 -9.45 -9.21
C ALA A 146 17.13 -7.99 -8.76
N GLY A 147 17.15 -7.09 -9.74
CA GLY A 147 17.09 -5.67 -9.47
C GLY A 147 15.80 -5.23 -8.80
N PHE A 148 14.70 -5.86 -9.16
CA PHE A 148 13.42 -5.53 -8.54
C PHE A 148 13.33 -6.07 -7.12
N SER A 149 13.89 -7.25 -6.89
CA SER A 149 13.91 -7.83 -5.55
C SER A 149 14.67 -6.93 -4.58
N ILE A 150 15.83 -6.44 -5.02
CA ILE A 150 16.59 -5.49 -4.25
C ILE A 150 15.77 -4.23 -4.00
N PHE A 151 15.07 -3.79 -5.04
CA PHE A 151 14.23 -2.60 -4.97
C PHE A 151 13.12 -2.76 -3.94
N VAL A 152 12.49 -3.95 -3.92
CA VAL A 152 11.42 -4.23 -2.97
C VAL A 152 12.01 -4.44 -1.57
N PHE A 153 13.25 -4.93 -1.53
CA PHE A 153 13.97 -5.06 -0.26
C PHE A 153 14.18 -3.69 0.37
N GLY A 154 14.42 -2.69 -0.47
CA GLY A 154 14.56 -1.32 -0.01
C GLY A 154 13.22 -0.72 0.41
N ILE A 155 12.17 -1.13 -0.28
CA ILE A 155 10.80 -0.74 0.08
C ILE A 155 10.50 -1.16 1.51
N ASN A 156 10.82 -2.41 1.83
CA ASN A 156 10.56 -2.95 3.15
C ASN A 156 11.56 -2.49 4.20
N LEU A 157 12.77 -2.17 3.75
CA LEU A 157 13.79 -1.64 4.64
C LEU A 157 13.33 -0.30 5.21
N GLY A 158 12.79 0.55 4.35
CA GLY A 158 12.22 1.81 4.78
C GLY A 158 10.97 1.59 5.60
N ALA A 159 10.21 0.55 5.23
CA ALA A 159 9.00 0.18 5.95
C ALA A 159 9.33 -0.39 7.33
N PHE A 160 10.57 -0.83 7.51
CA PHE A 160 11.00 -1.42 8.77
C PHE A 160 11.42 -0.34 9.77
N ILE A 161 12.30 0.56 9.35
CA ILE A 161 12.87 1.54 10.25
C ILE A 161 11.92 2.70 10.56
N ALA A 162 10.88 2.85 9.74
CA ALA A 162 9.96 3.97 9.89
C ALA A 162 9.12 3.92 11.17
N PRO A 163 8.47 2.78 11.48
CA PRO A 163 7.70 2.78 12.72
C PRO A 163 8.60 2.89 13.95
N LEU A 164 9.77 2.29 13.89
CA LEU A 164 10.71 2.30 14.99
C LEU A 164 11.17 3.72 15.32
N ILE A 165 11.49 4.50 14.29
CA ILE A 165 11.96 5.86 14.46
C ILE A 165 10.82 6.85 14.74
N VAL A 166 9.82 6.86 13.86
CA VAL A 166 8.72 7.79 13.98
C VAL A 166 7.83 7.50 15.20
N GLY A 167 7.55 6.22 15.43
CA GLY A 167 6.74 5.82 16.57
C GLY A 167 7.35 6.18 17.90
N ALA A 168 8.66 6.01 18.01
CA ALA A 168 9.38 6.36 19.23
C ALA A 168 9.37 7.88 19.44
N ALA A 169 9.57 8.62 18.35
CA ALA A 169 9.54 10.07 18.41
C ALA A 169 8.15 10.58 18.80
N GLN A 170 7.12 9.80 18.45
CA GLN A 170 5.73 10.17 18.74
C GLN A 170 5.43 10.06 20.23
N GLU A 171 5.94 8.99 20.86
CA GLU A 171 5.65 8.74 22.26
C GLU A 171 6.51 9.58 23.19
N ALA A 172 7.59 10.15 22.65
CA ALA A 172 8.48 10.99 23.45
C ALA A 172 8.23 12.48 23.23
N ALA A 173 8.09 12.89 21.97
CA ALA A 173 7.98 14.30 21.62
C ALA A 173 6.58 14.71 21.18
N GLY A 174 5.79 13.75 20.68
CA GLY A 174 4.44 14.04 20.25
C GLY A 174 4.20 13.77 18.77
N TYR A 175 2.93 13.76 18.36
CA TYR A 175 2.56 13.44 16.99
C TYR A 175 3.13 14.43 15.95
N HIS A 176 3.01 15.72 16.25
CA HIS A 176 3.47 16.76 15.33
C HIS A 176 4.96 16.64 15.02
N VAL A 177 5.77 16.37 16.03
CA VAL A 177 7.19 16.16 15.83
C VAL A 177 7.41 14.88 15.04
N ALA A 178 6.62 13.85 15.36
CA ALA A 178 6.71 12.58 14.66
C ALA A 178 6.36 12.71 13.18
N PHE A 179 5.28 13.43 12.89
CA PHE A 179 4.87 13.63 11.49
C PHE A 179 5.86 14.50 10.73
N SER A 180 6.58 15.35 11.47
CA SER A 180 7.61 16.19 10.85
C SER A 180 8.80 15.34 10.43
N LEU A 181 9.03 14.25 11.17
CA LEU A 181 10.10 13.32 10.83
C LEU A 181 9.80 12.63 9.50
N ALA A 182 8.52 12.34 9.27
CA ALA A 182 8.08 11.73 8.02
C ALA A 182 8.34 12.68 6.85
N ALA A 183 8.06 13.97 7.07
CA ALA A 183 8.32 14.97 6.05
C ALA A 183 9.81 15.06 5.74
N ILE A 184 10.62 15.03 6.80
CA ILE A 184 12.07 15.06 6.67
C ILE A 184 12.57 13.82 5.92
N GLY A 185 11.96 12.67 6.22
CA GLY A 185 12.30 11.43 5.54
C GLY A 185 12.14 11.55 4.04
N MET A 186 11.02 12.13 3.61
CA MET A 186 10.77 12.35 2.20
C MET A 186 11.72 13.42 1.62
N PHE A 187 12.03 14.41 2.44
CA PHE A 187 12.96 15.48 2.03
C PHE A 187 14.34 14.91 1.71
N ILE A 188 14.78 13.96 2.53
CA ILE A 188 16.03 13.25 2.28
C ILE A 188 15.95 12.49 0.96
N GLY A 189 14.80 11.87 0.72
CA GLY A 189 14.57 11.13 -0.51
C GLY A 189 14.68 12.00 -1.75
N LEU A 190 14.12 13.20 -1.69
CA LEU A 190 14.18 14.15 -2.79
C LEU A 190 15.62 14.57 -3.09
N LEU A 191 16.39 14.85 -2.05
CA LEU A 191 17.78 15.23 -2.18
C LEU A 191 18.61 14.17 -2.90
N VAL A 192 18.54 12.94 -2.40
CA VAL A 192 19.28 11.83 -2.99
C VAL A 192 18.81 11.57 -4.42
N TYR A 193 17.50 11.67 -4.63
CA TYR A 193 16.93 11.44 -5.94
C TYR A 193 17.35 12.51 -6.96
N TYR A 194 17.24 13.77 -6.56
CA TYR A 194 17.55 14.88 -7.46
C TYR A 194 19.00 14.87 -7.90
N PHE A 195 19.91 14.80 -6.93
CA PHE A 195 21.33 14.87 -7.23
C PHE A 195 21.87 13.55 -7.75
N GLY A 196 21.34 12.44 -7.23
CA GLY A 196 21.76 11.13 -7.67
C GLY A 196 21.17 10.75 -9.01
N GLY A 197 19.98 11.27 -9.30
CA GLY A 197 19.28 10.99 -10.54
C GLY A 197 19.95 11.64 -11.75
N LYS A 198 20.48 12.85 -11.55
CA LYS A 198 21.18 13.55 -12.61
C LYS A 198 22.44 12.79 -13.04
N LYS A 199 22.96 11.98 -12.14
CA LYS A 199 24.21 11.28 -12.38
C LYS A 199 24.04 9.89 -12.99
N THR A 200 22.94 9.22 -12.62
CA THR A 200 22.79 7.81 -12.96
C THR A 200 21.61 7.48 -13.87
N LEU A 201 20.68 8.42 -14.03
CA LEU A 201 19.47 8.14 -14.80
C LEU A 201 19.52 8.73 -16.21
N ASP A 202 18.84 8.05 -17.13
CA ASP A 202 18.77 8.47 -18.53
C ASP A 202 17.97 9.77 -18.66
N PRO A 203 18.58 10.80 -19.28
CA PRO A 203 17.89 12.07 -19.57
C PRO A 203 16.65 11.89 -20.45
N HIS A 204 16.54 10.72 -21.08
CA HIS A 204 15.42 10.39 -21.95
C HIS A 204 14.09 10.40 -21.18
N TYR A 205 14.15 10.16 -19.88
CA TYR A 205 12.94 10.07 -19.07
C TYR A 205 12.63 11.38 -18.35
N LEU A 206 13.15 12.48 -18.88
CA LEU A 206 12.78 13.81 -18.42
C LEU A 206 11.63 14.33 -19.28
N ARG A 207 11.35 13.61 -20.35
CA ARG A 207 10.22 13.90 -21.24
C ARG A 207 9.37 12.65 -21.36
N PRO A 208 8.06 12.82 -21.65
CA PRO A 208 7.18 11.66 -21.83
C PRO A 208 7.64 10.75 -22.96
N THR A 209 7.49 9.45 -22.78
CA THR A 209 7.94 8.48 -23.78
C THR A 209 6.86 8.18 -24.80
N ASP A 210 5.59 8.36 -24.41
CA ASP A 210 4.48 8.20 -25.33
C ASP A 210 3.62 9.47 -25.37
N PRO A 211 4.19 10.57 -25.90
CA PRO A 211 3.52 11.86 -25.88
C PRO A 211 2.19 11.85 -26.61
N LEU A 212 1.20 12.54 -26.06
CA LEU A 212 -0.09 12.68 -26.71
C LEU A 212 0.06 13.26 -28.11
N ALA A 213 -0.51 12.57 -29.09
CA ALA A 213 -0.59 13.09 -30.44
C ALA A 213 -1.62 14.22 -30.45
N PRO A 214 -1.50 15.17 -31.40
CA PRO A 214 -2.44 16.30 -31.49
C PRO A 214 -3.90 15.89 -31.41
N GLU A 215 -4.29 14.87 -32.17
CA GLU A 215 -5.69 14.45 -32.23
C GLU A 215 -6.15 13.72 -30.98
N GLU A 216 -5.21 13.42 -30.08
CA GLU A 216 -5.54 12.65 -28.87
C GLU A 216 -5.92 13.54 -27.68
N VAL A 217 -5.61 14.83 -27.77
CA VAL A 217 -5.77 15.72 -26.64
C VAL A 217 -7.23 15.99 -26.27
N LYS A 218 -8.05 16.31 -27.27
CA LYS A 218 -9.46 16.60 -27.02
C LYS A 218 -10.25 15.37 -26.52
N PRO A 219 -10.06 14.19 -27.16
CA PRO A 219 -10.78 13.03 -26.62
C PRO A 219 -10.47 12.75 -25.14
N LEU A 220 -9.19 12.87 -24.77
CA LEU A 220 -8.80 12.69 -23.37
C LEU A 220 -9.46 13.74 -22.48
N LEU A 221 -9.53 14.97 -22.99
CA LEU A 221 -10.13 16.08 -22.26
C LEU A 221 -11.63 15.91 -22.06
N VAL A 222 -12.29 15.29 -23.03
CA VAL A 222 -13.71 15.02 -22.93
C VAL A 222 -13.95 13.89 -21.93
N LYS A 223 -13.14 12.85 -22.03
CA LYS A 223 -13.22 11.70 -21.13
C LYS A 223 -13.09 12.12 -19.67
N VAL A 224 -12.07 12.94 -19.40
CA VAL A 224 -11.81 13.44 -18.05
C VAL A 224 -12.95 14.33 -17.55
N SER A 225 -13.39 15.24 -18.40
CA SER A 225 -14.44 16.20 -18.03
C SER A 225 -15.77 15.52 -17.71
N LEU A 226 -16.10 14.48 -18.48
CA LEU A 226 -17.33 13.73 -18.25
C LEU A 226 -17.26 12.94 -16.94
N ALA A 227 -16.08 12.42 -16.64
CA ALA A 227 -15.87 11.64 -15.43
C ALA A 227 -16.02 12.50 -14.19
N VAL A 228 -15.35 13.66 -14.19
CA VAL A 228 -15.41 14.59 -13.07
C VAL A 228 -16.83 15.13 -12.90
N ALA A 229 -17.48 15.47 -14.01
CA ALA A 229 -18.84 15.99 -13.97
C ALA A 229 -19.81 14.98 -13.37
N GLY A 230 -19.69 13.72 -13.80
CA GLY A 230 -20.53 12.67 -13.28
C GLY A 230 -20.28 12.43 -11.80
N PHE A 231 -19.01 12.43 -11.42
CA PHE A 231 -18.63 12.26 -10.02
C PHE A 231 -19.21 13.39 -9.17
N ILE A 232 -19.05 14.62 -9.65
CA ILE A 232 -19.61 15.78 -8.96
C ILE A 232 -21.14 15.68 -8.90
N ALA A 233 -21.75 15.23 -9.99
CA ALA A 233 -23.19 15.07 -10.06
C ALA A 233 -23.69 14.07 -9.03
N ILE A 234 -22.94 12.98 -8.84
CA ILE A 234 -23.28 11.98 -7.83
C ILE A 234 -23.18 12.59 -6.44
N ILE A 235 -22.10 13.33 -6.19
CA ILE A 235 -21.91 14.03 -4.93
C ILE A 235 -23.08 14.96 -4.62
N VAL A 236 -23.51 15.71 -5.63
CA VAL A 236 -24.63 16.63 -5.48
C VAL A 236 -25.90 15.88 -5.11
N VAL A 237 -26.21 14.81 -5.83
CA VAL A 237 -27.40 14.00 -5.56
C VAL A 237 -27.38 13.45 -4.13
N MET A 238 -26.21 12.98 -3.69
CA MET A 238 -26.02 12.46 -2.33
C MET A 238 -26.38 13.50 -1.26
N ASN A 239 -25.83 14.71 -1.41
CA ASN A 239 -26.09 15.79 -0.47
C ASN A 239 -27.56 16.21 -0.40
N LEU A 240 -28.29 16.06 -1.50
CA LEU A 240 -29.71 16.39 -1.54
C LEU A 240 -30.56 15.39 -0.75
N VAL A 241 -30.39 14.10 -1.04
CA VAL A 241 -31.18 13.04 -0.42
C VAL A 241 -30.67 12.70 0.98
N GLY A 242 -29.60 13.37 1.40
CA GLY A 242 -29.13 13.27 2.76
C GLY A 242 -27.99 12.30 3.00
N TRP A 243 -27.58 11.59 1.96
CA TRP A 243 -26.47 10.64 2.05
C TRP A 243 -25.14 11.40 2.01
N ASN A 244 -24.90 12.22 3.03
CA ASN A 244 -23.72 13.09 3.03
C ASN A 244 -22.80 12.89 4.23
N SER A 245 -22.93 11.77 4.94
CA SER A 245 -22.06 11.50 6.07
C SER A 245 -20.71 11.01 5.57
N LEU A 246 -19.74 10.89 6.48
CA LEU A 246 -18.42 10.40 6.10
C LEU A 246 -18.45 8.95 5.60
N PRO A 247 -19.15 8.04 6.31
CA PRO A 247 -19.23 6.68 5.74
C PRO A 247 -19.91 6.64 4.37
N ALA A 248 -20.79 7.60 4.12
CA ALA A 248 -21.47 7.71 2.83
C ALA A 248 -20.45 7.92 1.72
N TYR A 249 -19.52 8.84 1.94
CA TYR A 249 -18.47 9.14 0.98
C TYR A 249 -17.51 7.97 0.82
N ILE A 250 -17.28 7.25 1.91
CA ILE A 250 -16.42 6.07 1.88
C ILE A 250 -17.07 4.98 1.04
N ASN A 251 -18.38 4.83 1.19
CA ASN A 251 -19.15 3.90 0.38
C ASN A 251 -19.01 4.22 -1.11
N LEU A 252 -19.10 5.51 -1.45
CA LEU A 252 -18.95 5.94 -2.83
C LEU A 252 -17.57 5.59 -3.38
N LEU A 253 -16.53 5.96 -2.62
CA LEU A 253 -15.16 5.67 -3.01
C LEU A 253 -14.90 4.17 -3.06
N THR A 254 -15.60 3.41 -2.21
CA THR A 254 -15.51 1.96 -2.23
C THR A 254 -16.03 1.39 -3.55
N ILE A 255 -17.26 1.79 -3.89
CA ILE A 255 -17.90 1.34 -5.12
C ILE A 255 -17.08 1.72 -6.35
N VAL A 256 -16.60 2.96 -6.39
CA VAL A 256 -15.76 3.43 -7.48
C VAL A 256 -14.51 2.55 -7.64
N ALA A 257 -13.85 2.27 -6.52
CA ALA A 257 -12.64 1.46 -6.52
C ALA A 257 -12.92 0.02 -6.95
N ILE A 258 -14.11 -0.48 -6.63
CA ILE A 258 -14.48 -1.85 -6.99
C ILE A 258 -15.06 -1.92 -8.40
N ALA A 259 -15.70 -0.83 -8.84
CA ALA A 259 -16.32 -0.81 -10.17
C ALA A 259 -15.28 -0.74 -11.28
N ILE A 260 -14.13 -0.14 -10.98
CA ILE A 260 -13.08 0.04 -11.99
C ILE A 260 -12.54 -1.29 -12.53
N PRO A 261 -12.22 -2.28 -11.66
CA PRO A 261 -11.82 -3.56 -12.23
C PRO A 261 -12.99 -4.28 -12.90
N VAL A 262 -14.17 -4.21 -12.29
CA VAL A 262 -15.36 -4.84 -12.82
C VAL A 262 -15.63 -4.37 -14.25
N PHE A 263 -15.43 -3.08 -14.48
CA PHE A 263 -15.59 -2.52 -15.81
C PHE A 263 -14.37 -2.82 -16.69
N TYR A 264 -13.20 -2.92 -16.06
CA TYR A 264 -11.97 -3.22 -16.78
C TYR A 264 -11.96 -4.67 -17.28
N PHE A 265 -12.43 -5.58 -16.45
CA PHE A 265 -12.53 -6.98 -16.83
C PHE A 265 -13.62 -7.17 -17.88
N ALA A 266 -14.72 -6.44 -17.70
CA ALA A 266 -15.84 -6.51 -18.62
C ALA A 266 -15.47 -5.90 -19.97
N TRP A 267 -14.49 -5.00 -19.98
CA TRP A 267 -13.92 -4.47 -21.23
C TRP A 267 -13.35 -5.61 -22.06
N MET A 268 -12.27 -6.20 -21.57
CA MET A 268 -11.59 -7.29 -22.27
C MET A 268 -12.53 -8.47 -22.53
N THR A 277 -10.47 -18.29 -28.87
CA THR A 277 -10.28 -18.91 -27.56
C THR A 277 -9.17 -18.24 -26.78
N GLU A 278 -9.01 -16.93 -26.98
CA GLU A 278 -8.06 -16.14 -26.21
C GLU A 278 -8.73 -15.54 -24.98
N HIS A 279 -10.06 -15.55 -24.99
CA HIS A 279 -10.84 -14.96 -23.92
C HIS A 279 -10.80 -15.79 -22.64
N LEU A 280 -10.47 -17.07 -22.78
CA LEU A 280 -10.36 -17.96 -21.63
C LEU A 280 -9.18 -17.58 -20.75
N ARG A 281 -8.21 -16.87 -21.33
CA ARG A 281 -7.10 -16.35 -20.56
C ARG A 281 -7.58 -15.24 -19.63
N VAL A 282 -8.33 -14.29 -20.20
CA VAL A 282 -8.87 -13.16 -19.43
C VAL A 282 -9.74 -13.64 -18.28
N VAL A 283 -10.61 -14.61 -18.57
CA VAL A 283 -11.45 -15.22 -17.54
C VAL A 283 -10.58 -15.94 -16.50
N SER A 284 -9.38 -16.34 -16.90
CA SER A 284 -8.48 -17.04 -15.99
C SER A 284 -7.67 -16.10 -15.09
N TYR A 285 -7.80 -14.80 -15.31
CA TYR A 285 -7.21 -13.84 -14.37
C TYR A 285 -8.21 -13.62 -13.24
N ILE A 286 -9.50 -13.78 -13.55
CA ILE A 286 -10.57 -13.45 -12.61
C ILE A 286 -10.35 -14.12 -11.24
N PRO A 287 -10.06 -15.44 -11.21
CA PRO A 287 -9.82 -16.00 -9.87
C PRO A 287 -8.47 -15.58 -9.28
N LEU A 288 -7.49 -15.32 -10.14
CA LEU A 288 -6.18 -14.86 -9.69
C LEU A 288 -6.30 -13.47 -9.08
N PHE A 289 -7.08 -12.62 -9.73
CA PHE A 289 -7.35 -11.27 -9.26
C PHE A 289 -8.05 -11.31 -7.91
N ILE A 290 -9.04 -12.20 -7.79
CA ILE A 290 -9.78 -12.35 -6.55
C ILE A 290 -8.87 -12.82 -5.41
N ALA A 291 -8.01 -13.79 -5.71
CA ALA A 291 -7.04 -14.28 -4.73
C ALA A 291 -6.11 -13.17 -4.28
N ALA A 292 -5.70 -12.32 -5.21
CA ALA A 292 -4.83 -11.19 -4.91
C ALA A 292 -5.54 -10.16 -4.04
N VAL A 293 -6.76 -9.80 -4.44
CA VAL A 293 -7.56 -8.82 -3.72
C VAL A 293 -7.78 -9.24 -2.28
N LEU A 294 -8.18 -10.49 -2.08
CA LEU A 294 -8.43 -11.02 -0.74
C LEU A 294 -7.15 -11.08 0.09
N PHE A 295 -6.04 -11.42 -0.54
CA PHE A 295 -4.77 -11.50 0.17
C PHE A 295 -4.30 -10.12 0.65
N TRP A 296 -4.25 -9.17 -0.26
CA TRP A 296 -3.81 -7.82 0.09
C TRP A 296 -4.82 -7.14 1.01
N ALA A 297 -6.04 -7.65 1.02
CA ALA A 297 -7.03 -7.20 1.98
C ALA A 297 -6.59 -7.56 3.39
N ILE A 298 -6.27 -8.84 3.57
CA ILE A 298 -5.79 -9.36 4.85
C ILE A 298 -4.47 -8.72 5.26
N GLU A 299 -3.57 -8.56 4.28
CA GLU A 299 -2.24 -8.01 4.53
C GLU A 299 -2.32 -6.55 4.97
N GLU A 300 -3.12 -5.76 4.26
CA GLU A 300 -3.26 -4.32 4.57
C GLU A 300 -3.99 -4.08 5.89
N GLN A 301 -4.67 -5.10 6.41
CA GLN A 301 -5.38 -4.96 7.68
C GLN A 301 -4.42 -5.00 8.86
N GLY A 302 -3.14 -5.23 8.58
CA GLY A 302 -2.13 -5.21 9.61
C GLY A 302 -1.97 -3.84 10.22
N SER A 303 -2.18 -2.81 9.40
CA SER A 303 -2.05 -1.43 9.84
C SER A 303 -3.36 -0.90 10.42
N VAL A 304 -4.39 -1.73 10.42
CA VAL A 304 -5.70 -1.32 10.92
C VAL A 304 -6.18 -2.23 12.04
N VAL A 305 -6.63 -3.42 11.66
CA VAL A 305 -7.16 -4.37 12.62
C VAL A 305 -6.10 -4.89 13.59
N LEU A 306 -4.93 -5.24 13.06
CA LEU A 306 -3.84 -5.73 13.89
C LEU A 306 -3.25 -4.59 14.72
N ALA A 307 -3.26 -3.38 14.15
CA ALA A 307 -2.81 -2.20 14.87
C ALA A 307 -3.74 -1.90 16.04
N THR A 308 -5.03 -2.16 15.84
CA THR A 308 -6.01 -2.01 16.90
C THR A 308 -5.78 -3.06 17.97
N PHE A 309 -5.61 -4.31 17.53
CA PHE A 309 -5.35 -5.42 18.43
C PHE A 309 -4.10 -5.17 19.27
N ALA A 310 -3.05 -4.71 18.60
CA ALA A 310 -1.77 -4.44 19.26
C ALA A 310 -1.94 -3.47 20.43
N ALA A 311 -2.71 -2.42 20.22
CA ALA A 311 -2.87 -1.36 21.21
C ALA A 311 -3.79 -1.76 22.35
N GLU A 312 -4.82 -2.55 22.04
CA GLU A 312 -5.86 -2.86 23.02
C GLU A 312 -5.64 -4.17 23.77
N ARG A 313 -5.03 -5.15 23.11
CA ARG A 313 -5.00 -6.51 23.65
C ARG A 313 -3.60 -7.06 23.90
N VAL A 314 -2.57 -6.24 23.67
CA VAL A 314 -1.20 -6.68 23.85
C VAL A 314 -0.47 -5.85 24.91
N ASP A 315 0.34 -6.52 25.73
CA ASP A 315 1.16 -5.82 26.71
C ASP A 315 2.35 -5.16 26.03
N SER A 316 2.20 -3.88 25.68
CA SER A 316 3.28 -3.12 25.08
C SER A 316 3.68 -1.96 25.98
N SER A 317 3.98 -2.27 27.24
CA SER A 317 4.23 -1.24 28.24
C SER A 317 5.68 -0.79 28.28
N TRP A 318 6.57 -1.57 27.65
CA TRP A 318 7.99 -1.26 27.67
C TRP A 318 8.54 -0.90 26.30
N PHE A 319 7.63 -0.66 25.35
CA PHE A 319 8.01 -0.23 24.01
C PHE A 319 6.81 0.37 23.28
N PRO A 320 7.06 1.30 22.34
CA PRO A 320 6.00 1.88 21.53
C PRO A 320 5.23 0.81 20.75
N VAL A 321 3.91 0.79 20.88
CA VAL A 321 3.09 -0.25 20.26
C VAL A 321 3.06 -0.12 18.74
N SER A 322 3.44 1.05 18.24
CA SER A 322 3.51 1.29 16.81
C SER A 322 4.61 0.45 16.15
N TRP A 323 5.53 -0.05 16.96
CA TRP A 323 6.65 -0.84 16.46
C TRP A 323 6.22 -2.18 15.89
N PHE A 324 4.99 -2.60 16.19
CA PHE A 324 4.45 -3.84 15.62
C PHE A 324 4.31 -3.73 14.10
N GLN A 325 4.28 -2.49 13.60
CA GLN A 325 4.16 -2.25 12.17
C GLN A 325 5.50 -2.45 11.46
N SER A 326 6.53 -2.83 12.23
CA SER A 326 7.83 -3.14 11.65
C SER A 326 7.96 -4.64 11.42
N LEU A 327 7.03 -5.41 11.97
CA LEU A 327 7.07 -6.86 11.87
C LEU A 327 6.77 -7.35 10.45
N ASN A 328 5.87 -6.66 9.76
CA ASN A 328 5.55 -6.99 8.37
C ASN A 328 6.79 -6.95 7.48
N PRO A 329 7.48 -5.80 7.38
CA PRO A 329 8.61 -5.79 6.44
C PRO A 329 9.86 -6.48 6.98
N LEU A 330 9.89 -6.76 8.28
CA LEU A 330 11.03 -7.47 8.86
C LEU A 330 11.11 -8.89 8.32
N PHE A 331 9.97 -9.57 8.28
CA PHE A 331 9.92 -10.95 7.81
C PHE A 331 10.22 -11.06 6.32
N ILE A 332 9.85 -10.03 5.56
CA ILE A 332 10.14 -10.01 4.13
C ILE A 332 11.65 -9.98 3.90
N MET A 333 12.35 -9.20 4.72
CA MET A 333 13.80 -9.15 4.65
C MET A 333 14.43 -10.45 5.13
N LEU A 334 13.83 -11.05 6.14
CA LEU A 334 14.32 -12.32 6.69
C LEU A 334 14.11 -13.49 5.74
N TYR A 335 12.95 -13.52 5.09
CA TYR A 335 12.62 -14.60 4.15
C TYR A 335 13.39 -14.47 2.85
N THR A 336 13.86 -13.25 2.57
CA THR A 336 14.49 -12.92 1.29
C THR A 336 15.68 -13.81 0.89
N PRO A 337 16.68 -13.98 1.78
CA PRO A 337 17.82 -14.78 1.31
C PRO A 337 17.48 -16.26 1.13
N PHE A 338 16.48 -16.73 1.87
CA PHE A 338 16.05 -18.12 1.76
C PHE A 338 15.32 -18.40 0.46
N PHE A 339 14.31 -17.58 0.16
CA PHE A 339 13.51 -17.76 -1.04
C PHE A 339 14.32 -17.52 -2.30
N ALA A 340 15.25 -16.56 -2.24
CA ALA A 340 16.16 -16.30 -3.35
C ALA A 340 16.96 -17.56 -3.67
N TRP A 341 17.32 -18.29 -2.61
CA TRP A 341 17.99 -19.56 -2.76
C TRP A 341 17.01 -20.66 -3.13
N LEU A 342 15.81 -20.59 -2.56
CA LEU A 342 14.79 -21.61 -2.76
C LEU A 342 14.39 -21.75 -4.22
N TRP A 343 14.33 -20.63 -4.94
CA TRP A 343 13.87 -20.66 -6.33
C TRP A 343 14.98 -21.11 -7.28
N THR A 344 16.23 -21.02 -6.83
CA THR A 344 17.35 -21.50 -7.64
C THR A 344 17.63 -22.97 -7.37
N ALA A 345 17.27 -23.43 -6.17
CA ALA A 345 17.45 -24.82 -5.80
C ALA A 345 16.26 -25.66 -6.27
N TRP A 346 15.17 -24.98 -6.61
CA TRP A 346 13.95 -25.64 -7.04
C TRP A 346 13.65 -25.36 -8.50
N PRO A 351 6.07 -24.63 -9.23
CA PRO A 351 4.81 -24.05 -8.77
C PRO A 351 4.28 -23.00 -9.74
N SER A 352 3.05 -23.17 -10.21
CA SER A 352 2.45 -22.23 -11.15
C SER A 352 2.09 -20.93 -10.45
N SER A 353 1.75 -19.91 -11.23
CA SER A 353 1.29 -18.63 -10.70
C SER A 353 -0.06 -18.72 -9.97
N PRO A 354 -1.03 -19.49 -10.51
CA PRO A 354 -2.28 -19.63 -9.74
C PRO A 354 -2.09 -20.27 -8.37
N THR A 355 -1.18 -21.22 -8.27
CA THR A 355 -0.93 -21.92 -7.02
C THR A 355 -0.39 -20.96 -5.96
N LYS A 356 0.57 -20.13 -6.35
CA LYS A 356 1.19 -19.19 -5.41
C LYS A 356 0.20 -18.15 -4.91
N PHE A 357 -0.76 -17.80 -5.76
CA PHE A 357 -1.80 -16.85 -5.36
C PHE A 357 -2.82 -17.52 -4.45
N ALA A 358 -2.90 -18.84 -4.54
CA ALA A 358 -3.81 -19.62 -3.70
C ALA A 358 -3.18 -19.91 -2.35
N VAL A 359 -2.01 -20.55 -2.37
CA VAL A 359 -1.27 -20.88 -1.16
C VAL A 359 -0.96 -19.61 -0.35
N GLY A 360 -0.68 -18.52 -1.08
CA GLY A 360 -0.46 -17.23 -0.45
C GLY A 360 -1.71 -16.76 0.27
N LEU A 361 -2.88 -17.03 -0.31
CA LEU A 361 -4.14 -16.67 0.31
C LEU A 361 -4.43 -17.56 1.51
N MET A 362 -4.03 -18.82 1.43
CA MET A 362 -4.22 -19.75 2.52
C MET A 362 -3.39 -19.34 3.74
N PHE A 363 -2.15 -18.92 3.50
CA PHE A 363 -1.27 -18.45 4.56
C PHE A 363 -1.84 -17.21 5.23
N ALA A 364 -2.39 -16.30 4.43
CA ALA A 364 -3.04 -15.11 4.96
C ALA A 364 -4.30 -15.51 5.74
N GLY A 365 -4.96 -16.56 5.28
CA GLY A 365 -6.10 -17.10 5.98
C GLY A 365 -5.71 -17.69 7.32
N LEU A 366 -4.54 -18.34 7.35
CA LEU A 366 -4.04 -18.94 8.57
C LEU A 366 -3.55 -17.88 9.56
N SER A 367 -3.16 -16.72 9.04
CA SER A 367 -2.68 -15.63 9.88
C SER A 367 -3.82 -15.05 10.73
N PHE A 368 -5.03 -15.11 10.20
CA PHE A 368 -6.20 -14.64 10.94
C PHE A 368 -6.74 -15.74 11.87
N LEU A 369 -6.69 -16.99 11.40
CA LEU A 369 -7.13 -18.12 12.20
C LEU A 369 -6.32 -18.22 13.49
N LEU A 370 -5.04 -17.93 13.39
CA LEU A 370 -4.16 -17.94 14.55
C LEU A 370 -4.56 -16.87 15.56
N MET A 371 -5.00 -15.73 15.06
CA MET A 371 -5.35 -14.59 15.90
C MET A 371 -6.65 -14.80 16.66
N ALA A 372 -7.42 -15.79 16.24
CA ALA A 372 -8.68 -16.10 16.91
C ALA A 372 -8.43 -16.94 18.15
N ILE A 373 -7.28 -17.62 18.18
CA ILE A 373 -6.94 -18.52 19.29
C ILE A 373 -6.80 -17.83 20.65
N PRO A 374 -6.04 -16.72 20.75
CA PRO A 374 -5.88 -16.14 22.09
C PRO A 374 -7.20 -15.69 22.72
N GLY A 375 -8.07 -15.08 21.93
CA GLY A 375 -9.35 -14.64 22.43
C GLY A 375 -10.26 -15.81 22.80
N ALA A 376 -10.12 -16.90 22.05
CA ALA A 376 -10.92 -18.09 22.31
C ALA A 376 -10.40 -18.87 23.51
N LEU A 377 -9.11 -18.77 23.76
CA LEU A 377 -8.48 -19.52 24.85
C LEU A 377 -8.46 -18.72 26.15
N TYR A 378 -8.11 -17.44 26.06
CA TYR A 378 -7.91 -16.61 27.25
C TYR A 378 -9.00 -15.60 27.52
N GLY A 379 -9.92 -15.43 26.59
CA GLY A 379 -10.92 -14.39 26.70
C GLY A 379 -10.40 -13.10 26.10
N THR A 380 -11.27 -12.09 26.00
CA THR A 380 -10.88 -10.85 25.32
C THR A 380 -10.75 -9.66 26.26
N SER A 381 -11.00 -9.87 27.54
CA SER A 381 -11.00 -8.77 28.49
C SER A 381 -9.59 -8.43 28.98
N GLY A 382 -8.66 -9.37 28.83
CA GLY A 382 -7.29 -9.19 29.30
C GLY A 382 -6.30 -8.85 28.21
N LYS A 383 -5.04 -9.26 28.41
CA LYS A 383 -4.00 -8.98 27.44
C LYS A 383 -3.17 -10.24 27.14
N VAL A 384 -2.57 -10.27 25.96
CA VAL A 384 -1.82 -11.45 25.51
C VAL A 384 -0.41 -11.10 25.06
N SER A 385 0.36 -12.12 24.72
CA SER A 385 1.75 -11.97 24.33
C SER A 385 1.89 -11.38 22.94
N PRO A 386 2.91 -10.52 22.73
CA PRO A 386 3.25 -9.96 21.43
C PRO A 386 3.50 -11.04 20.37
N LEU A 387 3.89 -12.23 20.82
CA LEU A 387 4.28 -13.31 19.93
C LEU A 387 3.14 -13.79 19.03
N TRP A 388 1.90 -13.50 19.41
CA TRP A 388 0.74 -13.85 18.58
C TRP A 388 0.76 -13.06 17.28
N LEU A 389 1.01 -11.76 17.39
CA LEU A 389 1.11 -10.90 16.21
C LEU A 389 2.37 -11.24 15.41
N VAL A 390 3.45 -11.55 16.13
CA VAL A 390 4.70 -11.95 15.51
C VAL A 390 4.49 -13.21 14.68
N GLY A 391 3.73 -14.16 15.24
CA GLY A 391 3.42 -15.38 14.54
C GLY A 391 2.46 -15.17 13.40
N SER A 392 1.49 -14.27 13.62
CA SER A 392 0.48 -13.97 12.61
C SER A 392 1.13 -13.32 11.39
N TRP A 393 2.00 -12.36 11.62
CA TRP A 393 2.69 -11.69 10.53
C TRP A 393 3.66 -12.64 9.82
N ALA A 394 4.25 -13.56 10.58
CA ALA A 394 5.13 -14.57 10.00
C ALA A 394 4.39 -15.39 8.96
N LEU A 395 3.12 -15.69 9.25
CA LEU A 395 2.28 -16.47 8.36
C LEU A 395 1.87 -15.70 7.10
N VAL A 396 1.47 -14.44 7.27
CA VAL A 396 0.96 -13.66 6.15
C VAL A 396 2.10 -13.16 5.24
N ILE A 397 3.28 -12.96 5.81
CA ILE A 397 4.44 -12.56 5.02
C ILE A 397 4.96 -13.79 4.27
N LEU A 398 4.78 -14.96 4.85
CA LEU A 398 5.17 -16.22 4.24
C LEU A 398 4.43 -16.41 2.92
N GLY A 399 3.18 -15.95 2.88
CA GLY A 399 2.38 -16.02 1.66
C GLY A 399 2.68 -14.86 0.73
N GLU A 400 3.14 -13.75 1.29
CA GLU A 400 3.48 -12.59 0.50
C GLU A 400 4.73 -12.84 -0.34
N MET A 401 5.60 -13.73 0.16
CA MET A 401 6.78 -14.13 -0.58
C MET A 401 6.41 -14.89 -1.85
N LEU A 402 5.13 -15.21 -2.00
CA LEU A 402 4.63 -15.92 -3.17
C LEU A 402 3.91 -14.97 -4.12
N ILE A 403 3.68 -13.74 -3.67
CA ILE A 403 3.00 -12.75 -4.49
C ILE A 403 3.92 -11.57 -4.84
N SER A 404 4.58 -11.03 -3.84
CA SER A 404 5.48 -9.89 -4.02
C SER A 404 6.76 -10.29 -4.76
N PRO A 405 7.24 -9.43 -5.66
CA PRO A 405 8.49 -9.61 -6.42
C PRO A 405 9.78 -9.57 -5.59
N VAL A 406 9.91 -10.46 -4.61
CA VAL A 406 11.11 -10.54 -3.76
C VAL A 406 11.59 -12.00 -3.65
N GLY A 407 12.87 -12.23 -3.39
CA GLY A 407 13.39 -13.59 -3.37
C GLY A 407 13.63 -14.06 -4.80
N LEU A 408 13.67 -13.09 -5.70
CA LEU A 408 14.00 -13.38 -7.09
C LEU A 408 15.48 -13.11 -7.36
N SER A 409 15.96 -13.64 -8.47
CA SER A 409 17.36 -13.52 -8.87
C SER A 409 17.48 -13.73 -10.38
N VAL A 410 18.68 -14.08 -10.83
CA VAL A 410 18.92 -14.36 -12.25
C VAL A 410 18.11 -15.55 -12.74
N ALA A 418 9.89 -5.81 -21.08
CA ALA A 418 9.82 -4.37 -20.85
C ALA A 418 8.36 -3.91 -20.77
N PHE A 419 8.14 -2.75 -20.16
CA PHE A 419 6.78 -2.32 -19.79
C PHE A 419 6.70 -0.79 -19.63
N ASN A 420 5.55 -0.28 -19.21
CA ASN A 420 5.44 1.16 -18.94
C ASN A 420 4.78 1.47 -17.58
N SER A 421 4.69 2.75 -17.25
CA SER A 421 4.22 3.19 -15.94
C SER A 421 2.74 2.86 -15.66
N GLN A 422 1.92 2.83 -16.72
CA GLN A 422 0.49 2.57 -16.58
C GLN A 422 0.21 1.11 -16.25
N MET A 423 0.95 0.22 -16.92
CA MET A 423 0.85 -1.22 -16.69
C MET A 423 1.42 -1.60 -15.32
N MET A 424 2.40 -0.83 -14.85
CA MET A 424 2.88 -0.98 -13.48
C MET A 424 1.73 -0.75 -12.50
N SER A 425 1.01 0.35 -12.68
CA SER A 425 -0.12 0.74 -11.83
C SER A 425 -1.19 -0.34 -11.73
N MET A 426 -1.45 -1.01 -12.86
CA MET A 426 -2.41 -2.11 -12.94
C MET A 426 -2.10 -3.20 -11.92
N TRP A 427 -0.84 -3.31 -11.55
CA TRP A 427 -0.40 -4.27 -10.56
C TRP A 427 -0.88 -3.90 -9.16
N PHE A 428 -0.84 -2.62 -8.81
CA PHE A 428 -1.29 -2.18 -7.49
C PHE A 428 -2.81 -2.12 -7.38
N LEU A 429 -3.48 -2.43 -8.48
CA LEU A 429 -4.93 -2.28 -8.57
C LEU A 429 -5.67 -3.30 -7.71
N SER A 430 -5.07 -4.47 -7.51
CA SER A 430 -5.67 -5.51 -6.69
C SER A 430 -5.59 -5.15 -5.20
N SER A 431 -4.57 -4.37 -4.84
CA SER A 431 -4.42 -3.91 -3.47
C SER A 431 -5.42 -2.81 -3.16
N SER A 432 -5.75 -2.02 -4.17
CA SER A 432 -6.74 -0.96 -4.03
C SER A 432 -8.13 -1.53 -3.76
N VAL A 433 -8.46 -2.62 -4.45
CA VAL A 433 -9.74 -3.29 -4.26
C VAL A 433 -9.77 -3.98 -2.90
N GLY A 434 -8.64 -4.49 -2.47
CA GLY A 434 -8.51 -5.11 -1.17
C GLY A 434 -8.80 -4.14 -0.04
N SER A 435 -8.20 -2.95 -0.13
CA SER A 435 -8.39 -1.93 0.89
C SER A 435 -9.78 -1.31 0.81
N ALA A 436 -10.32 -1.19 -0.40
CA ALA A 436 -11.69 -0.73 -0.58
C ALA A 436 -12.65 -1.73 0.07
N LEU A 437 -12.32 -3.00 -0.06
CA LEU A 437 -13.06 -4.06 0.61
C LEU A 437 -12.88 -3.96 2.11
N ASN A 438 -11.66 -3.62 2.54
CA ASN A 438 -11.36 -3.44 3.94
C ASN A 438 -12.12 -2.27 4.56
N ALA A 439 -12.30 -1.21 3.78
CA ALA A 439 -13.02 -0.02 4.24
C ALA A 439 -14.43 -0.36 4.70
N GLN A 440 -14.94 -1.47 4.21
CA GLN A 440 -16.23 -2.00 4.63
C GLN A 440 -16.06 -2.99 5.77
N LEU A 441 -15.04 -3.85 5.65
CA LEU A 441 -14.88 -4.97 6.56
C LEU A 441 -14.30 -4.61 7.92
N VAL A 442 -13.40 -3.62 7.98
CA VAL A 442 -12.73 -3.28 9.23
C VAL A 442 -13.67 -2.61 10.23
N THR A 443 -14.82 -2.15 9.75
CA THR A 443 -15.83 -1.57 10.64
C THR A 443 -16.51 -2.66 11.46
N LEU A 444 -16.32 -3.90 11.03
CA LEU A 444 -16.91 -5.05 11.73
C LEU A 444 -16.05 -5.50 12.90
N TYR A 445 -14.79 -5.06 12.90
CA TYR A 445 -13.87 -5.46 13.97
C TYR A 445 -13.97 -4.55 15.18
N ASN A 446 -14.15 -5.17 16.35
CA ASN A 446 -14.07 -4.48 17.62
C ASN A 446 -13.74 -5.49 18.72
N ALA A 447 -13.82 -5.05 19.97
CA ALA A 447 -13.45 -5.90 21.09
C ALA A 447 -14.38 -7.10 21.23
N LYS A 448 -15.65 -6.90 20.89
CA LYS A 448 -16.66 -7.93 21.10
C LYS A 448 -16.76 -8.94 19.97
N SER A 449 -16.20 -8.63 18.81
CA SER A 449 -16.31 -9.51 17.66
C SER A 449 -14.97 -10.07 17.24
N GLU A 450 -13.96 -9.88 18.08
CA GLU A 450 -12.59 -10.27 17.77
C GLU A 450 -12.46 -11.71 17.27
N VAL A 451 -12.92 -12.66 18.08
CA VAL A 451 -12.76 -14.07 17.76
C VAL A 451 -13.58 -14.44 16.51
N ALA A 452 -14.77 -13.88 16.41
CA ALA A 452 -15.65 -14.15 15.28
C ALA A 452 -15.09 -13.56 13.99
N TYR A 453 -14.57 -12.35 14.07
CA TYR A 453 -13.97 -11.67 12.92
C TYR A 453 -12.82 -12.47 12.34
N PHE A 454 -11.83 -12.76 13.20
CA PHE A 454 -10.64 -13.49 12.78
C PHE A 454 -10.96 -14.88 12.21
N SER A 455 -11.73 -15.67 12.94
CA SER A 455 -12.01 -17.05 12.56
C SER A 455 -12.87 -17.14 11.29
N TYR A 456 -13.85 -16.25 11.18
CA TYR A 456 -14.75 -16.25 10.03
C TYR A 456 -14.02 -15.88 8.75
N PHE A 457 -13.26 -14.78 8.79
CA PHE A 457 -12.58 -14.30 7.60
C PHE A 457 -11.31 -15.10 7.30
N GLY A 458 -10.75 -15.73 8.31
CA GLY A 458 -9.61 -16.60 8.13
C GLY A 458 -10.03 -17.92 7.50
N LEU A 459 -11.14 -18.48 7.96
CA LEU A 459 -11.64 -19.73 7.42
C LEU A 459 -12.10 -19.56 5.98
N GLY A 460 -12.82 -18.46 5.73
CA GLY A 460 -13.32 -18.18 4.40
C GLY A 460 -12.21 -17.97 3.40
N SER A 461 -11.08 -17.47 3.89
CA SER A 461 -9.94 -17.18 3.03
C SER A 461 -9.14 -18.44 2.70
N VAL A 462 -9.14 -19.41 3.61
CA VAL A 462 -8.49 -20.68 3.34
C VAL A 462 -9.33 -21.48 2.34
N VAL A 463 -10.63 -21.54 2.60
CA VAL A 463 -11.56 -22.25 1.73
C VAL A 463 -11.47 -21.73 0.30
N LEU A 464 -11.58 -20.41 0.14
CA LEU A 464 -11.45 -19.80 -1.17
C LEU A 464 -10.05 -20.04 -1.73
N GLY A 465 -9.06 -20.08 -0.86
CA GLY A 465 -7.70 -20.38 -1.25
C GLY A 465 -7.60 -21.79 -1.83
N ILE A 466 -8.40 -22.70 -1.29
CA ILE A 466 -8.43 -24.08 -1.77
C ILE A 466 -9.38 -24.20 -2.96
N VAL A 467 -10.41 -23.35 -3.00
CA VAL A 467 -11.35 -23.36 -4.11
C VAL A 467 -10.72 -22.77 -5.36
N LEU A 468 -10.06 -21.62 -5.20
CA LEU A 468 -9.55 -20.87 -6.35
C LEU A 468 -8.29 -21.46 -6.97
N VAL A 469 -7.69 -22.47 -6.34
CA VAL A 469 -6.53 -23.14 -6.94
C VAL A 469 -6.99 -24.24 -7.89
N PHE A 470 -8.01 -24.99 -7.46
CA PHE A 470 -8.58 -26.03 -8.32
C PHE A 470 -9.42 -25.40 -9.42
N LEU A 471 -10.03 -24.27 -9.10
CA LEU A 471 -10.84 -23.53 -10.07
C LEU A 471 -9.94 -22.82 -11.07
P PO4 B . -8.70 21.86 14.49
O1 PO4 B . -7.64 21.77 13.42
O2 PO4 B . -8.07 21.60 15.84
O3 PO4 B . -9.78 20.84 14.24
O4 PO4 B . -9.31 23.25 14.49
P PO4 C . -19.32 8.97 11.91
O1 PO4 C . -18.73 9.91 10.88
O2 PO4 C . -18.26 8.00 12.39
O3 PO4 C . -20.47 8.20 11.30
O4 PO4 C . -19.83 9.77 13.09
N1 EPE D . -2.28 -15.03 29.68
C2 EPE D . -1.55 -15.18 30.99
C3 EPE D . -2.53 -15.47 32.10
N4 EPE D . -3.42 -14.29 32.26
C5 EPE D . -4.18 -14.06 31.00
C6 EPE D . -3.19 -13.85 29.86
C7 EPE D . -4.41 -14.63 33.31
C8 EPE D . -3.71 -14.94 34.64
O8 EPE D . -4.27 -16.07 35.20
C9 EPE D . -1.27 -14.64 28.66
C10 EPE D . -1.39 -15.48 27.44
S EPE D . 0.01 -15.48 26.35
O1S EPE D . -0.02 -16.79 25.73
O2S EPE D . -0.27 -14.42 25.40
O3S EPE D . 1.15 -15.30 27.17
OH2 1PE E . -4.23 7.46 21.34
C12 1PE E . -4.39 6.10 21.12
C22 1PE E . -4.27 5.41 22.50
OH3 1PE E . -4.35 4.02 22.30
C13 1PE E . -2.19 3.11 21.69
C23 1PE E . -3.23 3.34 22.83
OH4 1PE E . -1.55 4.33 21.38
C14 1PE E . 0.41 5.50 20.67
C24 1PE E . -0.16 4.18 21.20
OH5 1PE E . 0.25 6.50 21.63
C15 1PE E . 1.60 7.59 23.26
C25 1PE E . 1.03 6.26 22.76
OH6 1PE E . 0.57 8.57 23.19
C16 1PE E . -1.73 8.84 23.85
C26 1PE E . -0.30 8.46 24.32
OH7 1PE E . -1.62 9.45 22.60
OH2 1PE F . 4.83 -17.64 -11.96
C12 1PE F . 5.14 -19.00 -12.14
C22 1PE F . 6.67 -19.10 -12.07
OH3 1PE F . 7.07 -18.56 -10.83
C13 1PE F . 9.02 -18.31 -9.43
C23 1PE F . 8.16 -19.28 -10.28
OH4 1PE F . 8.23 -17.78 -8.39
C14 1PE F . 8.10 -16.43 -6.42
C24 1PE F . 9.03 -17.09 -7.45
OH5 1PE F . 8.06 -15.03 -6.69
C15 1PE F . 6.65 -13.10 -7.16
C25 1PE F . 6.74 -14.54 -6.61
OH6 1PE F . 6.13 -13.17 -8.48
C16 1PE F . 4.26 -14.38 -9.35
C26 1PE F . 4.72 -13.19 -8.49
OH7 1PE F . 3.42 -13.88 -10.34
O22 78N G . -18.07 -18.53 22.32
C19 78N G . -17.14 -17.43 22.18
C18 78N G . -15.81 -17.97 21.63
O20 78N G . -15.05 -18.57 22.68
C17 78N G . -16.09 -19.02 20.57
O16 78N G . -14.95 -19.86 20.45
C8 78N G . -14.54 -20.05 19.11
O15 78N G . -15.22 -19.65 18.22
C7 78N G . -13.22 -20.76 18.80
C6 78N G . -12.74 -20.30 17.40
C5 78N G . -11.52 -21.19 16.95
C4 78N G . -10.43 -20.31 16.37
C3 78N G . -9.29 -21.19 15.83
C2 78N G . -9.66 -21.77 14.48
C1 78N G . -8.71 -22.49 13.80
C9 78N G . -7.31 -22.67 14.47
C10 78N G . -6.24 -22.93 13.41
C11 78N G . -5.16 -21.85 13.52
C12 78N G . -4.11 -22.03 12.38
C13 78N G . -2.73 -21.64 12.91
C15 78N G . -1.76 -23.20 11.17
C14 78N G . -1.69 -21.78 11.77
O22 78N H . 1.69 -20.68 26.39
C19 78N H . 0.39 -20.92 25.79
C18 78N H . 0.43 -20.61 24.28
O20 78N H . 1.74 -20.85 23.77
C17 78N H . -0.57 -21.50 23.56
O16 78N H . 0.11 -22.25 22.58
C8 78N H . -0.56 -22.33 21.32
O15 78N H . -1.75 -22.44 21.29
C7 78N H . 0.25 -22.26 20.03
C6 78N H . -0.68 -22.31 18.81
C5 78N H . 0.16 -21.97 17.51
C4 78N H . -0.14 -23.00 16.43
C3 78N H . 1.07 -23.17 15.47
C2 78N H . 0.90 -24.48 14.72
C1 78N H . 1.73 -24.81 13.69
C9 78N H . 2.88 -23.85 13.25
C10 78N H . 3.66 -24.47 12.10
C11 78N H . 3.22 -23.84 10.77
C12 78N H . 4.48 -23.38 10.00
C13 78N H . 4.28 -23.60 8.50
C15 78N H . 5.51 -23.92 6.34
C14 78N H . 5.63 -23.39 7.77
O21 78M I . 3.96 -17.51 24.56
C20 78M I . 3.21 -16.80 23.55
C18 78M I . 2.35 -17.77 22.73
O19 78M I . 2.94 -19.03 22.79
C17 78M I . 2.30 -17.33 21.28
O2 78M I . 2.54 -18.46 20.48
C1 78M I . 2.19 -18.35 19.10
O1 78M I . 1.03 -18.13 18.77
C2 78M I . 3.28 -18.52 18.02
C3 78M I . 2.76 -19.46 16.94
C4 78M I . 2.83 -18.71 15.57
C5 78M I . 2.83 -19.74 14.43
C6 78M I . 4.25 -19.90 13.89
C7 78M I . 4.33 -19.62 12.36
C8 78M I . 5.48 -20.06 11.73
C9 78M I . 5.74 -19.89 10.27
C10 78M I . 7.19 -20.39 10.00
C11 78M I . 8.24 -19.22 10.17
C12 78M I . 8.76 -19.12 11.61
C13 78M I . 9.47 -17.73 11.85
C15 78M I . 10.25 -16.18 13.76
C14 78M I . 9.32 -17.32 13.33
O22 78N J . 6.57 -10.99 26.55
C19 78N J . 7.40 -10.27 25.60
C18 78N J . 8.08 -11.25 24.61
O20 78N J . 7.60 -12.58 24.82
C17 78N J . 7.78 -10.84 23.18
O16 78N J . 8.70 -9.84 22.78
C8 78N J . 8.52 -9.37 21.44
O15 78N J . 8.53 -10.15 20.54
C7 78N J . 8.30 -7.89 21.18
C6 78N J . 8.27 -7.62 19.66
C5 78N J . 7.69 -6.17 19.42
C4 78N J . 7.87 -5.77 17.96
C3 78N J . 9.20 -5.01 17.79
C2 78N J . 9.29 -4.49 16.36
C1 78N J . 10.47 -4.52 15.70
C9 78N J . 11.75 -5.07 16.39
C10 78N J . 12.37 -6.17 15.51
C11 78N J . 13.84 -5.82 15.22
C12 78N J . 14.72 -7.07 15.53
C13 78N J . 15.96 -7.06 14.65
C15 78N J . 17.37 -8.57 13.21
C14 78N J . 15.96 -8.32 13.75
O22 78N K . 2.72 19.65 20.54
C19 78N K . 3.04 20.61 19.51
C18 78N K . 4.57 20.74 19.45
O20 78N K . 5.15 19.44 19.38
C17 78N K . 4.95 21.50 18.19
O16 78N K . 5.83 20.71 17.42
C8 78N K . 6.12 21.20 16.13
O15 78N K . 5.65 22.23 15.73
C7 78N K . 7.07 20.41 15.25
C6 78N K . 8.22 21.33 14.79
C5 78N K . 8.46 21.04 13.27
C4 78N K . 9.89 21.41 12.90
C3 78N K . 10.23 20.79 11.53
C2 78N K . 9.16 21.20 10.53
C1 78N K . 9.22 20.76 9.24
C9 78N K . 10.40 19.86 8.79
C10 78N K . 9.98 19.07 7.55
C11 78N K . 11.04 19.18 6.45
C12 78N K . 11.10 20.66 5.95
C13 78N K . 11.55 20.70 4.49
C15 78N K . 11.28 22.30 2.56
C14 78N K . 10.54 21.52 3.65
O22 78N L . -25.56 7.05 6.13
C19 78N L . -26.11 6.96 4.80
C18 78N L . -25.36 5.88 4.00
O20 78N L . -26.19 4.73 3.84
C17 78N L . -24.99 6.45 2.64
O16 78N L . -25.54 5.72 1.57
C8 78N L . -24.59 5.38 0.57
O15 78N L . -24.52 4.26 0.18
C7 78N L . -23.65 6.45 0.04
C6 78N L . -23.91 6.75 -1.45
C5 78N L . -23.27 5.61 -2.34
C4 78N L . -22.84 6.12 -3.72
C3 78N L . -24.08 6.34 -4.63
C2 78N L . -24.67 5.03 -5.09
C1 78N L . -24.54 4.64 -6.39
C9 78N L . -23.79 5.56 -7.39
C10 78N L . -23.61 4.86 -8.73
C11 78N L . -22.43 3.89 -8.66
C12 78N L . -21.86 3.68 -10.08
C13 78N L . -20.47 4.32 -10.18
C15 78N L . -18.27 4.19 -11.38
C14 78N L . -19.73 3.72 -11.40
O22 78N M . 16.47 12.81 -11.89
C19 78N M . 17.06 13.99 -11.28
C18 78N M . 16.30 15.24 -11.76
O20 78N M . 17.08 15.94 -12.72
C17 78N M . 14.97 14.84 -12.37
O16 78N M . 13.91 15.30 -11.55
C8 78N M . 13.33 16.51 -11.98
O15 78N M . 12.66 16.53 -12.97
C7 78N M . 13.55 17.79 -11.18
C6 78N M . 13.04 19.00 -11.98
C5 78N M . 12.41 20.04 -11.01
C4 78N M . 13.49 20.91 -10.36
C3 78N M . 12.83 22.03 -9.54
C2 78N M . 13.86 22.68 -8.63
C1 78N M . 13.49 23.22 -7.44
C9 78N M . 12.00 23.17 -6.99
C10 78N M . 11.92 23.15 -5.47
C11 78N M . 10.82 22.18 -5.02
C12 78N M . 9.63 22.99 -4.41
C13 78N M . 9.63 22.80 -2.90
C15 78N M . 8.47 23.44 -0.75
C14 78N M . 8.49 23.64 -2.27
O22 78N N . 0.36 17.28 -29.39
C19 78N N . -0.19 18.01 -28.27
C18 78N N . 0.40 17.46 -26.95
O20 78N N . 1.73 16.97 -27.18
C17 78N N . 0.44 18.56 -25.92
O16 78N N . -0.57 18.33 -24.94
C8 78N N . -0.06 18.12 -23.63
O15 78N N . 1.01 17.60 -23.49
C7 78N N . -0.86 18.56 -22.43
C6 78N N . -2.06 17.61 -22.22
C5 78N N . -3.31 18.45 -21.75
C4 78N N . -3.75 18.00 -20.36
C3 78N N . -4.46 16.63 -20.44
C2 78N N . -5.87 16.74 -19.89
C1 78N N . -6.12 16.53 -18.56
C9 78N N . -4.98 16.17 -17.58
C10 78N N . -4.92 14.65 -17.39
C11 78N N . -5.75 14.25 -16.16
C12 78N N . -5.44 12.77 -15.80
C13 78N N . -5.90 11.85 -16.92
C15 78N N . -6.50 9.48 -17.51
C14 78N N . -6.18 10.44 -16.36
O22 78N O . 3.12 23.34 -28.23
C19 78N O . 1.98 23.75 -27.43
C18 78N O . 0.93 22.62 -27.44
O20 78N O . 1.53 21.43 -27.97
C17 78N O . 0.44 22.36 -26.03
O16 78N O . -0.84 21.77 -26.09
C8 78N O . -1.69 22.10 -25.01
O15 78N O . -1.25 22.59 -24.01
C7 78N O . -3.19 21.83 -25.14
C6 78N O . -3.89 22.04 -23.79
C5 78N O . -5.44 21.83 -24.01
C4 78N O . -6.21 22.37 -22.81
C3 78N O . -6.20 21.31 -21.69
C2 78N O . -5.46 21.87 -20.48
C1 78N O . -5.87 21.52 -19.24
C9 78N O . -7.07 20.55 -19.11
C10 78N O . -7.59 20.54 -17.67
C11 78N O . -9.12 20.58 -17.70
C12 78N O . -9.69 19.89 -16.43
C13 78N O . -11.20 19.84 -16.48
C15 78N O . -11.48 19.58 -14.00
C14 78N O . -11.70 18.91 -15.36
O22 78N P . 16.42 -11.82 -4.33
C19 78N P . 16.73 -10.79 -3.35
C18 78N P . 18.25 -10.64 -3.28
O20 78N P . 18.82 -11.22 -4.45
C17 78N P . 18.62 -9.17 -3.20
O16 78N P . 18.10 -8.59 -2.02
C8 78N P . 19.08 -8.09 -1.14
O15 78N P . 19.51 -8.79 -0.28
C7 78N P . 19.58 -6.66 -1.27
C6 78N P . 20.03 -6.14 0.11
C5 78N P . 20.53 -4.65 0.02
C4 78N P . 20.68 -4.12 1.45
C3 78N P . 21.22 -2.67 1.47
C2 78N P . 21.33 -2.24 2.93
C1 78N P . 21.46 -0.94 3.30
C9 78N P . 21.51 0.23 2.25
C10 78N P . 20.31 1.16 2.43
C11 78N P . 20.68 2.41 3.23
C12 78N P . 20.84 2.04 4.73
C13 78N P . 19.48 1.94 5.42
C15 78N P . 19.37 1.10 7.80
C14 78N P . 19.47 0.69 6.34
N ALA Q . 5.11 -5.39 3.12
CA ALA Q . 4.78 -4.01 2.80
C ALA Q . 4.93 -3.76 1.30
O ALA Q . 5.86 -4.25 0.66
CB ALA Q . 5.66 -3.05 3.58
N LEU R . 3.99 -3.00 0.74
CA LEU R . 4.03 -2.65 -0.67
C LEU R . 4.79 -1.35 -0.91
O LEU R . 5.30 -1.11 -1.99
CB LEU R . 2.61 -2.52 -1.24
CG LEU R . 1.91 -3.84 -1.56
CD1 LEU R . 0.41 -3.60 -1.72
CD2 LEU R . 2.50 -4.43 -2.84
OXT LEU R . 4.89 -0.51 0.00
#